data_7L7Y
#
_entry.id   7L7Y
#
_cell.length_a   97.656
_cell.length_b   97.656
_cell.length_c   65.525
_cell.angle_alpha   90.000
_cell.angle_beta   90.000
_cell.angle_gamma   120.000
#
_symmetry.space_group_name_H-M   'H 3'
#
loop_
_entity.id
_entity.type
_entity.pdbx_description
1 polymer 'Putative acetyl transferase protein'
2 non-polymer "URIDINE-5'-DIPHOSPHATE"
3 non-polymer 'ACETYL COENZYME *A'
4 non-polymer (4S)-2-METHYL-2,4-PENTANEDIOL
5 non-polymer 'CHLORIDE ION'
6 water water
#
_entity_poly.entity_id   1
_entity_poly.type   'polypeptide(L)'
_entity_poly.pdbx_seq_one_letter_code
;MSKVFAVYGASGCGRSLMPVANEQLRILEGDTDSQIVFIDDALDDNITVNGYTAMNYTKFKSIKNDDKFVLIAIANSSIR
QKIADKLVKDGISLWTVQGMTTLIMDEVSIDAGAALSPFVTIAANVTIGKCFHANLYSYVEHDCIIGDYVTFAPRVSCNG
NIHIHDHAYIGTGAVIKQGTPDKPLIIGKGAIVGMGAVVTKEVPAGAVVIGNPARLLNKLEHHHHHH
;
_entity_poly.pdbx_strand_id   AAA
#
# COMPACT_ATOMS: atom_id res chain seq x y z
N SER A 2 8.91 13.60 -21.01
CA SER A 2 9.54 12.30 -20.64
C SER A 2 9.34 12.05 -19.15
N LYS A 3 9.34 10.78 -18.75
CA LYS A 3 9.13 10.36 -17.36
C LYS A 3 9.95 9.10 -17.11
N VAL A 4 10.31 8.85 -15.86
CA VAL A 4 10.88 7.54 -15.45
C VAL A 4 10.08 7.06 -14.24
N PHE A 5 9.81 5.76 -14.20
CA PHE A 5 8.99 5.12 -13.15
C PHE A 5 9.86 4.15 -12.40
N ALA A 6 9.52 3.92 -11.13
CA ALA A 6 10.21 2.88 -10.35
C ALA A 6 9.27 2.29 -9.31
N VAL A 7 9.63 1.06 -8.97
CA VAL A 7 9.13 0.33 -7.79
C VAL A 7 10.30 0.28 -6.79
N TYR A 8 10.10 0.90 -5.64
CA TYR A 8 11.12 0.99 -4.57
C TYR A 8 10.97 -0.24 -3.68
N GLY A 9 11.91 -1.16 -3.74
CA GLY A 9 11.84 -2.47 -3.08
C GLY A 9 11.78 -3.56 -4.10
N ALA A 10 12.80 -4.40 -4.17
CA ALA A 10 12.92 -5.47 -5.18
C ALA A 10 12.87 -6.83 -4.50
N SER A 11 12.36 -6.90 -3.28
CA SER A 11 12.14 -8.17 -2.56
C SER A 11 10.73 -8.69 -2.90
N GLY A 12 10.13 -9.50 -2.04
CA GLY A 12 8.85 -10.15 -2.41
C GLY A 12 7.74 -9.15 -2.68
N CYS A 13 7.64 -8.09 -1.89
CA CYS A 13 6.56 -7.09 -2.05
C CYS A 13 6.69 -6.46 -3.45
N GLY A 14 7.90 -6.01 -3.80
CA GLY A 14 8.13 -5.30 -5.06
C GLY A 14 7.98 -6.22 -6.25
N ARG A 15 8.50 -7.44 -6.15
CA ARG A 15 8.45 -8.37 -7.29
C ARG A 15 7.00 -8.74 -7.61
N SER A 16 6.11 -8.82 -6.62
CA SER A 16 4.67 -9.08 -6.87
C SER A 16 3.90 -7.79 -7.17
N LEU A 17 4.52 -6.61 -6.97
CA LEU A 17 3.90 -5.35 -7.44
C LEU A 17 4.38 -4.87 -8.81
N MET A 18 5.57 -5.28 -9.25
CA MET A 18 6.06 -4.78 -10.56
C MET A 18 5.07 -5.09 -11.68
N PRO A 19 4.44 -6.28 -11.78
CA PRO A 19 3.46 -6.51 -12.85
C PRO A 19 2.26 -5.56 -12.75
N VAL A 20 1.91 -5.18 -11.54
CA VAL A 20 0.80 -4.24 -11.30
C VAL A 20 1.21 -2.84 -11.76
N ALA A 21 2.42 -2.42 -11.42
CA ALA A 21 2.97 -1.13 -11.89
C ALA A 21 3.00 -1.11 -13.42
N ASN A 22 3.31 -2.24 -14.04
CA ASN A 22 3.26 -2.33 -15.52
C ASN A 22 1.84 -2.22 -16.05
N GLU A 23 0.84 -2.82 -15.39
CA GLU A 23 -0.57 -2.63 -15.83
C GLU A 23 -0.94 -1.14 -15.70
N GLN A 24 -0.63 -0.55 -14.56
CA GLN A 24 -0.87 0.91 -14.32
C GLN A 24 -0.24 1.72 -15.47
N LEU A 25 1.02 1.45 -15.79
CA LEU A 25 1.77 2.35 -16.70
C LEU A 25 1.41 2.06 -18.16
N ARG A 26 1.48 0.80 -18.58
CA ARG A 26 1.34 0.39 -20.01
C ARG A 26 -0.13 0.46 -20.42
N ILE A 27 -1.06 0.07 -19.55
CA ILE A 27 -2.49 -0.07 -19.96
C ILE A 27 -3.27 1.12 -19.40
N LEU A 28 -3.32 1.34 -18.09
CA LEU A 28 -4.21 2.40 -17.57
C LEU A 28 -3.71 3.80 -17.96
N GLU A 29 -2.40 4.03 -18.06
CA GLU A 29 -1.86 5.36 -18.51
C GLU A 29 -1.53 5.29 -20.01
N GLY A 30 -1.58 4.12 -20.62
CA GLY A 30 -1.35 3.97 -22.07
C GLY A 30 0.07 4.36 -22.46
N ASP A 31 1.05 4.17 -21.57
CA ASP A 31 2.43 4.67 -21.73
C ASP A 31 3.35 3.50 -22.10
N THR A 32 3.67 3.32 -23.39
CA THR A 32 4.58 2.23 -23.84
C THR A 32 6.01 2.77 -24.00
N ASP A 33 6.27 4.02 -23.63
CA ASP A 33 7.57 4.72 -23.88
C ASP A 33 8.43 4.75 -22.60
N SER A 34 7.86 5.16 -21.46
CA SER A 34 8.63 5.46 -20.22
C SER A 34 9.29 4.17 -19.70
N GLN A 35 10.51 4.29 -19.21
CA GLN A 35 11.19 3.16 -18.53
C GLN A 35 10.62 2.98 -17.13
N ILE A 36 10.65 1.74 -16.69
CA ILE A 36 10.36 1.41 -15.28
C ILE A 36 11.50 0.53 -14.75
N VAL A 37 11.96 0.86 -13.55
CA VAL A 37 13.07 0.14 -12.90
C VAL A 37 12.67 -0.20 -11.46
N PHE A 38 13.47 -1.04 -10.83
CA PHE A 38 13.46 -1.23 -9.36
C PHE A 38 14.50 -0.32 -8.73
N ILE A 39 14.16 0.21 -7.58
CA ILE A 39 15.15 0.85 -6.67
C ILE A 39 15.29 -0.07 -5.48
N ASP A 40 16.52 -0.41 -5.07
CA ASP A 40 16.71 -1.17 -3.83
C ASP A 40 18.07 -0.78 -3.24
N ASP A 41 18.05 -0.35 -2.00
CA ASP A 41 19.26 0.21 -1.32
C ASP A 41 20.19 -0.92 -0.88
N ALA A 42 19.82 -2.17 -1.07
CA ALA A 42 20.72 -3.31 -0.83
C ALA A 42 21.76 -3.38 -1.95
N LEU A 43 21.53 -2.69 -3.07
CA LEU A 43 22.38 -2.83 -4.26
C LEU A 43 23.56 -1.86 -4.21
N ASP A 44 24.71 -2.34 -4.63
CA ASP A 44 25.89 -1.48 -4.89
C ASP A 44 25.90 -1.25 -6.40
N ASP A 45 26.35 -2.24 -7.15
CA ASP A 45 26.24 -2.24 -8.63
C ASP A 45 24.79 -2.60 -9.04
N ASN A 46 24.34 -2.01 -10.12
CA ASN A 46 23.03 -2.38 -10.71
C ASN A 46 23.02 -3.87 -11.03
N ILE A 47 21.84 -4.47 -10.93
CA ILE A 47 21.60 -5.87 -11.35
C ILE A 47 20.30 -5.87 -12.13
N THR A 48 19.85 -7.02 -12.58
CA THR A 48 18.48 -7.15 -13.12
C THR A 48 17.69 -8.05 -12.20
N VAL A 49 16.43 -7.73 -12.06
CA VAL A 49 15.45 -8.49 -11.25
C VAL A 49 14.26 -8.76 -12.15
N ASN A 50 14.01 -10.03 -12.47
CA ASN A 50 12.88 -10.41 -13.34
C ASN A 50 12.88 -9.58 -14.64
N GLY A 51 14.06 -9.29 -15.18
CA GLY A 51 14.19 -8.64 -16.49
C GLY A 51 14.07 -7.14 -16.42
N TYR A 52 14.13 -6.55 -15.21
CA TYR A 52 14.07 -5.09 -15.00
C TYR A 52 15.41 -4.68 -14.41
N THR A 53 15.95 -3.55 -14.87
CA THR A 53 17.09 -2.92 -14.19
C THR A 53 16.71 -2.58 -12.76
N ALA A 54 17.60 -2.88 -11.82
CA ALA A 54 17.46 -2.61 -10.38
C ALA A 54 18.71 -1.86 -9.93
N MET A 55 18.52 -0.73 -9.27
CA MET A 55 19.63 0.16 -8.87
C MET A 55 19.35 0.70 -7.47
N ASN A 56 20.39 1.15 -6.77
CA ASN A 56 20.19 1.87 -5.49
C ASN A 56 19.66 3.29 -5.72
N TYR A 57 19.24 3.93 -4.63
CA TYR A 57 18.59 5.26 -4.72
C TYR A 57 19.57 6.33 -5.18
N THR A 58 20.83 6.23 -4.80
CA THR A 58 21.88 7.17 -5.30
C THR A 58 21.83 7.19 -6.83
N LYS A 59 21.82 6.03 -7.48
CA LYS A 59 21.83 5.91 -8.94
C LYS A 59 20.51 6.43 -9.50
N PHE A 60 19.38 6.15 -8.85
CA PHE A 60 18.07 6.64 -9.33
C PHE A 60 18.04 8.18 -9.32
N LYS A 61 18.49 8.79 -8.25
CA LYS A 61 18.58 10.28 -8.13
C LYS A 61 19.42 10.84 -9.27
N SER A 62 20.50 10.15 -9.62
CA SER A 62 21.48 10.65 -10.61
C SER A 62 20.85 10.65 -12.01
N ILE A 63 19.80 9.84 -12.28
CA ILE A 63 19.13 9.82 -13.61
C ILE A 63 18.71 11.24 -13.97
N LYS A 64 19.10 11.74 -15.16
CA LYS A 64 18.82 13.13 -15.56
C LYS A 64 17.42 13.17 -16.16
N ASN A 65 16.42 13.22 -15.29
CA ASN A 65 14.99 13.38 -15.65
C ASN A 65 14.36 14.19 -14.54
N ASP A 66 13.57 15.20 -14.90
CA ASP A 66 12.87 16.07 -13.92
C ASP A 66 11.61 15.36 -13.43
N ASP A 67 11.19 14.27 -14.09
CA ASP A 67 9.81 13.72 -13.95
C ASP A 67 9.89 12.26 -13.52
N LYS A 68 10.13 12.03 -12.24
CA LYS A 68 10.29 10.68 -11.68
C LYS A 68 9.07 10.36 -10.81
N PHE A 69 8.62 9.11 -10.91
CA PHE A 69 7.39 8.62 -10.25
C PHE A 69 7.74 7.29 -9.62
N VAL A 70 7.48 7.20 -8.32
CA VAL A 70 7.90 6.02 -7.52
C VAL A 70 6.73 5.44 -6.74
N LEU A 71 6.57 4.13 -6.90
CA LEU A 71 5.70 3.32 -6.02
C LEU A 71 6.59 2.69 -4.96
N ILE A 72 6.28 2.89 -3.69
CA ILE A 72 7.07 2.27 -2.60
C ILE A 72 6.44 0.91 -2.27
N ALA A 73 7.18 -0.16 -2.58
CA ALA A 73 6.74 -1.55 -2.41
C ALA A 73 7.58 -2.17 -1.29
N ILE A 74 7.43 -1.57 -0.11
CA ILE A 74 8.06 -2.03 1.15
C ILE A 74 6.94 -2.06 2.18
N ALA A 75 6.65 -3.26 2.70
CA ALA A 75 5.44 -3.51 3.51
C ALA A 75 5.57 -2.84 4.87
N ASN A 76 6.79 -2.76 5.40
CA ASN A 76 7.02 -2.13 6.71
C ASN A 76 6.72 -0.63 6.61
N SER A 77 5.74 -0.14 7.36
CA SER A 77 5.17 1.20 7.10
C SER A 77 6.08 2.30 7.66
N SER A 78 6.87 1.99 8.68
CA SER A 78 7.90 2.93 9.21
CA SER A 78 7.89 2.95 9.20
CA SER A 78 7.85 2.98 9.18
C SER A 78 8.95 3.23 8.13
N ILE A 79 9.40 2.18 7.44
CA ILE A 79 10.35 2.36 6.31
CA ILE A 79 10.34 2.33 6.30
C ILE A 79 9.61 3.10 5.19
N ARG A 80 8.36 2.72 4.91
CA ARG A 80 7.65 3.35 3.79
C ARG A 80 7.55 4.86 4.03
N GLN A 81 7.19 5.28 5.23
CA GLN A 81 7.08 6.72 5.56
C GLN A 81 8.46 7.40 5.39
N LYS A 82 9.51 6.79 5.91
CA LYS A 82 10.85 7.39 5.80
C LYS A 82 11.19 7.59 4.33
N ILE A 83 10.94 6.59 3.49
CA ILE A 83 11.26 6.67 2.04
CA ILE A 83 11.28 6.70 2.05
C ILE A 83 10.37 7.75 1.39
N ALA A 84 9.08 7.76 1.70
CA ALA A 84 8.15 8.72 1.09
C ALA A 84 8.63 10.14 1.40
N ASP A 85 9.03 10.40 2.63
CA ASP A 85 9.45 11.76 3.02
C ASP A 85 10.75 12.09 2.26
N LYS A 86 11.63 11.12 2.09
CA LYS A 86 12.90 11.34 1.36
C LYS A 86 12.58 11.67 -0.10
N LEU A 87 11.68 10.90 -0.72
CA LEU A 87 11.34 11.10 -2.15
C LEU A 87 10.75 12.50 -2.33
N VAL A 88 9.80 12.90 -1.49
CA VAL A 88 9.12 14.21 -1.66
C VAL A 88 10.17 15.31 -1.48
N LYS A 89 11.05 15.19 -0.48
CA LYS A 89 12.12 16.19 -0.21
C LYS A 89 13.05 16.30 -1.43
N ASP A 90 13.28 15.19 -2.14
CA ASP A 90 14.14 15.15 -3.36
C ASP A 90 13.36 15.54 -4.61
N GLY A 91 12.11 15.96 -4.50
CA GLY A 91 11.32 16.40 -5.67
C GLY A 91 10.92 15.24 -6.56
N ILE A 92 10.79 14.04 -6.00
CA ILE A 92 10.31 12.86 -6.76
C ILE A 92 8.84 12.63 -6.38
N SER A 93 8.00 12.33 -7.38
CA SER A 93 6.52 12.15 -7.19
C SER A 93 6.24 10.75 -6.63
N LEU A 94 5.37 10.64 -5.63
CA LEU A 94 4.78 9.35 -5.24
C LEU A 94 3.74 8.96 -6.30
N TRP A 95 3.65 7.67 -6.60
CA TRP A 95 2.88 7.18 -7.76
C TRP A 95 1.93 6.10 -7.26
N THR A 96 0.63 6.32 -7.35
CA THR A 96 -0.38 5.28 -7.09
C THR A 96 -0.41 4.29 -8.25
N VAL A 97 -0.42 3.02 -7.91
CA VAL A 97 -0.56 1.93 -8.91
C VAL A 97 -1.81 1.14 -8.56
N GLN A 98 -2.55 0.74 -9.58
CA GLN A 98 -3.64 -0.25 -9.44
C GLN A 98 -3.58 -1.22 -10.61
N GLY A 99 -4.16 -2.41 -10.43
CA GLY A 99 -4.25 -3.42 -11.47
C GLY A 99 -5.46 -3.20 -12.36
N MET A 100 -5.49 -3.88 -13.48
CA MET A 100 -6.66 -3.91 -14.41
CA MET A 100 -6.67 -3.88 -14.40
C MET A 100 -7.90 -4.42 -13.69
N THR A 101 -7.74 -5.30 -12.68
CA THR A 101 -8.91 -5.85 -11.95
C THR A 101 -9.14 -5.13 -10.63
N THR A 102 -8.44 -4.05 -10.36
CA THR A 102 -8.73 -3.24 -9.15
C THR A 102 -10.01 -2.43 -9.38
N LEU A 103 -10.98 -2.53 -8.48
CA LEU A 103 -12.27 -1.85 -8.61
C LEU A 103 -12.33 -0.66 -7.66
N ILE A 104 -12.52 0.53 -8.21
CA ILE A 104 -12.70 1.76 -7.40
C ILE A 104 -14.13 2.26 -7.61
N MET A 105 -14.88 2.44 -6.53
CA MET A 105 -16.29 2.88 -6.63
C MET A 105 -16.37 4.40 -6.48
N ASP A 106 -17.56 4.92 -6.18
CA ASP A 106 -17.85 6.37 -6.27
C ASP A 106 -17.28 7.11 -5.07
N GLU A 107 -16.87 8.37 -5.29
CA GLU A 107 -16.49 9.33 -4.24
C GLU A 107 -15.40 8.73 -3.35
N VAL A 108 -14.42 8.11 -3.99
CA VAL A 108 -13.22 7.58 -3.27
C VAL A 108 -12.09 8.61 -3.35
N SER A 109 -11.43 8.84 -2.23
CA SER A 109 -10.22 9.68 -2.19
C SER A 109 -9.05 8.83 -1.71
N ILE A 110 -7.96 8.78 -2.48
CA ILE A 110 -6.75 7.97 -2.12
C ILE A 110 -5.52 8.85 -2.32
N ASP A 111 -4.77 9.09 -1.25
CA ASP A 111 -3.53 9.90 -1.38
C ASP A 111 -2.52 9.23 -2.30
N ALA A 112 -1.66 10.01 -2.94
CA ALA A 112 -0.67 9.50 -3.90
C ALA A 112 0.22 8.44 -3.24
N GLY A 113 0.59 7.44 -4.01
CA GLY A 113 1.59 6.47 -3.60
C GLY A 113 0.98 5.18 -3.12
N ALA A 114 -0.32 4.95 -3.30
CA ALA A 114 -0.96 3.69 -2.90
C ALA A 114 -0.52 2.54 -3.80
N ALA A 115 -0.37 1.35 -3.23
CA ALA A 115 -0.18 0.10 -3.98
C ALA A 115 -1.48 -0.69 -3.89
N LEU A 116 -2.29 -0.62 -4.95
CA LEU A 116 -3.61 -1.27 -4.98
C LEU A 116 -3.50 -2.51 -5.85
N SER A 117 -3.44 -3.66 -5.23
CA SER A 117 -3.19 -4.92 -5.95
C SER A 117 -4.39 -5.35 -6.78
N PRO A 118 -4.17 -6.27 -7.74
CA PRO A 118 -5.25 -6.98 -8.37
C PRO A 118 -6.30 -7.50 -7.41
N PHE A 119 -7.52 -7.50 -7.91
CA PHE A 119 -8.74 -8.04 -7.26
C PHE A 119 -9.06 -7.26 -5.97
N VAL A 120 -8.52 -6.08 -5.80
CA VAL A 120 -8.86 -5.18 -4.67
C VAL A 120 -10.10 -4.37 -5.02
N THR A 121 -11.00 -4.20 -4.05
CA THR A 121 -12.15 -3.29 -4.16
C THR A 121 -12.00 -2.18 -3.13
N ILE A 122 -12.10 -0.95 -3.59
CA ILE A 122 -12.29 0.21 -2.71
C ILE A 122 -13.70 0.74 -2.97
N ALA A 123 -14.59 0.55 -2.01
CA ALA A 123 -16.03 0.73 -2.23
C ALA A 123 -16.42 2.21 -2.02
N ALA A 124 -17.72 2.45 -1.90
CA ALA A 124 -18.27 3.80 -1.99
C ALA A 124 -17.82 4.67 -0.81
N ASN A 125 -17.46 5.92 -1.11
CA ASN A 125 -17.31 7.00 -0.09
C ASN A 125 -16.21 6.66 0.90
N VAL A 126 -15.13 6.07 0.40
CA VAL A 126 -13.92 5.70 1.18
C VAL A 126 -12.87 6.81 1.04
N THR A 127 -12.22 7.11 2.16
CA THR A 127 -11.07 8.03 2.22
C THR A 127 -9.85 7.28 2.71
N ILE A 128 -8.76 7.36 1.97
CA ILE A 128 -7.47 6.67 2.29
C ILE A 128 -6.32 7.65 2.29
N GLY A 129 -5.49 7.55 3.32
CA GLY A 129 -4.31 8.41 3.48
C GLY A 129 -3.09 7.94 2.73
N LYS A 130 -1.91 8.35 3.19
CA LYS A 130 -0.63 8.26 2.45
C LYS A 130 -0.20 6.80 2.26
N CYS A 131 0.36 6.48 1.09
CA CYS A 131 1.05 5.21 0.75
C CYS A 131 0.35 3.99 1.38
N PHE A 132 -0.91 3.81 1.05
CA PHE A 132 -1.69 2.63 1.50
C PHE A 132 -1.20 1.41 0.74
N HIS A 133 -1.05 0.28 1.43
CA HIS A 133 -0.87 -1.01 0.74
C HIS A 133 -2.16 -1.82 0.86
N ALA A 134 -2.80 -2.09 -0.28
CA ALA A 134 -3.96 -3.02 -0.33
C ALA A 134 -3.51 -4.23 -1.13
N ASN A 135 -3.04 -5.24 -0.44
CA ASN A 135 -2.55 -6.46 -1.13
C ASN A 135 -3.72 -7.23 -1.74
N LEU A 136 -3.37 -8.21 -2.57
CA LEU A 136 -4.27 -8.99 -3.43
C LEU A 136 -5.59 -9.31 -2.72
N TYR A 137 -6.73 -9.07 -3.34
CA TYR A 137 -8.07 -9.50 -2.90
C TYR A 137 -8.59 -8.67 -1.73
N SER A 138 -7.84 -7.72 -1.19
CA SER A 138 -8.37 -6.92 -0.06
C SER A 138 -9.54 -6.04 -0.50
N TYR A 139 -10.44 -5.72 0.41
CA TYR A 139 -11.44 -4.68 0.15
C TYR A 139 -11.54 -3.73 1.32
N VAL A 140 -11.95 -2.51 0.99
CA VAL A 140 -12.34 -1.48 1.98
C VAL A 140 -13.75 -1.05 1.61
N GLU A 141 -14.70 -1.34 2.47
CA GLU A 141 -16.11 -1.06 2.14
C GLU A 141 -16.56 0.32 2.61
N HIS A 142 -17.84 0.58 2.41
CA HIS A 142 -18.41 1.94 2.40
C HIS A 142 -18.02 2.76 3.63
N ASP A 143 -17.65 4.02 3.41
CA ASP A 143 -17.56 5.07 4.45
C ASP A 143 -16.38 4.81 5.39
N CYS A 144 -15.46 3.92 5.04
CA CYS A 144 -14.25 3.73 5.86
C CYS A 144 -13.35 4.97 5.75
N ILE A 145 -12.59 5.22 6.80
CA ILE A 145 -11.48 6.21 6.76
C ILE A 145 -10.22 5.45 7.13
N ILE A 146 -9.29 5.35 6.18
CA ILE A 146 -7.97 4.69 6.36
C ILE A 146 -6.95 5.82 6.49
N GLY A 147 -6.14 5.77 7.54
CA GLY A 147 -5.12 6.80 7.78
C GLY A 147 -3.88 6.59 6.92
N ASP A 148 -2.76 7.11 7.42
CA ASP A 148 -1.49 7.16 6.69
C ASP A 148 -0.69 5.88 6.96
N TYR A 149 -0.05 5.38 5.92
CA TYR A 149 0.91 4.27 6.00
C TYR A 149 0.26 3.05 6.65
N VAL A 150 -0.99 2.76 6.26
CA VAL A 150 -1.70 1.53 6.66
C VAL A 150 -1.34 0.43 5.67
N THR A 151 -1.25 -0.80 6.15
CA THR A 151 -0.80 -1.94 5.36
C THR A 151 -1.80 -3.09 5.52
N PHE A 152 -2.40 -3.55 4.42
CA PHE A 152 -3.22 -4.76 4.35
C PHE A 152 -2.42 -5.86 3.68
N ALA A 153 -2.30 -6.99 4.35
CA ALA A 153 -1.92 -8.26 3.72
C ALA A 153 -2.98 -8.66 2.72
N PRO A 154 -2.80 -9.77 1.99
CA PRO A 154 -3.83 -10.21 1.06
C PRO A 154 -5.13 -10.56 1.78
N ARG A 155 -6.23 -10.35 1.07
CA ARG A 155 -7.54 -10.93 1.43
C ARG A 155 -8.03 -10.35 2.75
N VAL A 156 -7.74 -9.09 3.01
CA VAL A 156 -8.34 -8.40 4.18
C VAL A 156 -9.78 -8.02 3.85
N SER A 157 -10.72 -8.34 4.73
CA SER A 157 -12.13 -7.92 4.62
C SER A 157 -12.38 -6.77 5.59
N CYS A 158 -12.22 -5.55 5.11
CA CYS A 158 -12.50 -4.33 5.89
C CYS A 158 -13.90 -3.84 5.56
N ASN A 159 -14.88 -4.21 6.37
CA ASN A 159 -16.32 -3.86 6.16
C ASN A 159 -16.58 -2.38 6.37
N GLY A 160 -17.86 -1.98 6.29
CA GLY A 160 -18.20 -0.56 6.29
C GLY A 160 -17.98 0.11 7.63
N ASN A 161 -17.86 1.44 7.60
CA ASN A 161 -17.79 2.29 8.82
C ASN A 161 -16.67 1.82 9.77
N ILE A 162 -15.51 1.53 9.23
CA ILE A 162 -14.28 1.21 9.99
C ILE A 162 -13.29 2.34 9.79
N HIS A 163 -12.68 2.77 10.89
CA HIS A 163 -11.61 3.79 10.88
C HIS A 163 -10.32 3.09 11.27
N ILE A 164 -9.38 3.00 10.34
CA ILE A 164 -8.05 2.39 10.64
C ILE A 164 -7.03 3.53 10.74
N HIS A 165 -6.47 3.68 11.92
CA HIS A 165 -5.52 4.77 12.19
C HIS A 165 -4.13 4.46 11.61
N ASP A 166 -3.26 5.45 11.67
CA ASP A 166 -1.94 5.41 11.00
C ASP A 166 -1.17 4.16 11.40
N HIS A 167 -0.45 3.59 10.42
CA HIS A 167 0.60 2.57 10.63
C HIS A 167 0.02 1.26 11.11
N ALA A 168 -1.31 1.09 11.09
CA ALA A 168 -1.85 -0.23 11.43
C ALA A 168 -1.48 -1.26 10.37
N TYR A 169 -1.42 -2.50 10.77
CA TYR A 169 -1.15 -3.64 9.87
C TYR A 169 -2.30 -4.63 10.03
N ILE A 170 -2.91 -5.04 8.93
CA ILE A 170 -4.02 -6.02 8.97
C ILE A 170 -3.59 -7.28 8.20
N GLY A 171 -3.52 -8.40 8.90
CA GLY A 171 -2.93 -9.64 8.36
C GLY A 171 -3.84 -10.43 7.43
N THR A 172 -3.25 -11.46 6.83
CA THR A 172 -3.87 -12.18 5.69
C THR A 172 -5.24 -12.75 6.10
N GLY A 173 -6.27 -12.47 5.32
CA GLY A 173 -7.58 -13.11 5.57
C GLY A 173 -8.31 -12.59 6.80
N ALA A 174 -7.79 -11.55 7.46
CA ALA A 174 -8.51 -11.02 8.64
C ALA A 174 -9.85 -10.46 8.19
N VAL A 175 -10.84 -10.59 9.06
CA VAL A 175 -12.21 -10.07 8.82
CA VAL A 175 -12.19 -10.04 8.80
C VAL A 175 -12.54 -9.08 9.93
N ILE A 176 -13.09 -7.92 9.57
CA ILE A 176 -13.38 -6.89 10.57
C ILE A 176 -14.88 -6.58 10.47
N LYS A 177 -15.58 -6.68 11.57
CA LYS A 177 -17.01 -6.35 11.64
C LYS A 177 -17.23 -4.89 11.24
N GLN A 178 -18.35 -4.63 10.59
CA GLN A 178 -18.73 -3.24 10.28
C GLN A 178 -18.90 -2.44 11.57
N GLY A 179 -18.59 -1.15 11.49
CA GLY A 179 -19.06 -0.16 12.48
C GLY A 179 -20.44 0.33 12.13
N THR A 180 -20.85 1.40 12.77
CA THR A 180 -22.09 2.12 12.43
C THR A 180 -21.68 3.56 12.19
N PRO A 181 -22.51 4.37 11.53
CA PRO A 181 -22.22 5.79 11.38
C PRO A 181 -22.07 6.48 12.76
N ASP A 182 -22.84 6.07 13.77
CA ASP A 182 -22.77 6.67 15.14
C ASP A 182 -21.52 6.19 15.88
N LYS A 183 -21.07 4.96 15.62
CA LYS A 183 -19.87 4.37 16.24
C LYS A 183 -19.07 3.59 15.19
N PRO A 184 -18.21 4.27 14.43
CA PRO A 184 -17.27 3.56 13.58
C PRO A 184 -16.39 2.62 14.41
N LEU A 185 -16.06 1.47 13.85
CA LEU A 185 -15.19 0.50 14.55
C LEU A 185 -13.76 0.96 14.28
N ILE A 186 -13.00 1.24 15.33
CA ILE A 186 -11.64 1.84 15.22
C ILE A 186 -10.59 0.74 15.37
N ILE A 187 -9.63 0.71 14.44
CA ILE A 187 -8.36 -0.03 14.60
C ILE A 187 -7.31 1.02 14.93
N GLY A 188 -6.72 0.92 16.12
CA GLY A 188 -5.91 2.02 16.64
C GLY A 188 -4.55 2.11 15.96
N LYS A 189 -3.90 3.25 16.14
CA LYS A 189 -2.58 3.56 15.57
C LYS A 189 -1.59 2.43 15.85
N GLY A 190 -0.91 1.94 14.81
CA GLY A 190 0.15 0.93 14.96
C GLY A 190 -0.35 -0.39 15.51
N ALA A 191 -1.64 -0.64 15.50
CA ALA A 191 -2.16 -1.98 15.88
C ALA A 191 -1.78 -3.02 14.82
N ILE A 192 -1.69 -4.26 15.24
CA ILE A 192 -1.42 -5.40 14.35
C ILE A 192 -2.57 -6.38 14.54
N VAL A 193 -3.30 -6.61 13.46
CA VAL A 193 -4.36 -7.63 13.42
C VAL A 193 -3.78 -8.85 12.74
N GLY A 194 -3.66 -9.96 13.46
CA GLY A 194 -3.01 -11.17 12.94
C GLY A 194 -3.73 -11.78 11.76
N MET A 195 -3.01 -12.57 10.98
CA MET A 195 -3.66 -13.32 9.90
C MET A 195 -4.82 -14.17 10.49
N GLY A 196 -5.93 -14.19 9.77
CA GLY A 196 -7.14 -14.98 10.12
C GLY A 196 -7.91 -14.43 11.31
N ALA A 197 -7.51 -13.29 11.89
CA ALA A 197 -8.24 -12.75 13.05
C ALA A 197 -9.65 -12.37 12.65
N VAL A 198 -10.60 -12.61 13.54
CA VAL A 198 -12.02 -12.23 13.36
C VAL A 198 -12.30 -11.11 14.38
N VAL A 199 -12.26 -9.87 13.92
CA VAL A 199 -12.29 -8.66 14.78
C VAL A 199 -13.74 -8.21 14.90
N THR A 200 -14.29 -8.21 16.13
CA THR A 200 -15.70 -7.87 16.39
C THR A 200 -15.80 -6.59 17.21
N LYS A 201 -14.68 -6.03 17.64
CA LYS A 201 -14.65 -4.88 18.57
C LYS A 201 -13.45 -4.00 18.27
N GLU A 202 -13.49 -2.77 18.75
CA GLU A 202 -12.39 -1.78 18.59
C GLU A 202 -11.08 -2.45 19.00
N VAL A 203 -10.01 -2.16 18.27
CA VAL A 203 -8.66 -2.65 18.63
C VAL A 203 -7.86 -1.46 19.14
N PRO A 204 -7.34 -1.51 20.38
CA PRO A 204 -6.54 -0.41 20.91
C PRO A 204 -5.29 -0.09 20.08
N ALA A 205 -4.84 1.17 20.14
CA ALA A 205 -3.55 1.61 19.57
C ALA A 205 -2.47 0.66 20.07
N GLY A 206 -1.62 0.17 19.18
CA GLY A 206 -0.45 -0.63 19.54
C GLY A 206 -0.78 -2.05 19.95
N ALA A 207 -2.04 -2.46 19.95
CA ALA A 207 -2.40 -3.83 20.34
C ALA A 207 -2.03 -4.81 19.24
N VAL A 208 -1.73 -6.05 19.60
CA VAL A 208 -1.59 -7.20 18.68
C VAL A 208 -2.72 -8.16 18.99
N VAL A 209 -3.60 -8.43 18.04
CA VAL A 209 -4.79 -9.30 18.26
C VAL A 209 -4.74 -10.48 17.29
N ILE A 210 -5.13 -11.65 17.76
CA ILE A 210 -5.18 -12.90 16.95
C ILE A 210 -6.45 -13.65 17.33
N GLY A 211 -6.87 -14.54 16.43
CA GLY A 211 -7.84 -15.58 16.79
C GLY A 211 -9.25 -15.25 16.39
N ASN A 212 -10.11 -16.23 16.65
CA ASN A 212 -11.55 -16.14 16.38
C ASN A 212 -12.29 -16.49 17.66
N PRO A 213 -12.82 -15.50 18.42
CA PRO A 213 -12.73 -14.08 18.08
C PRO A 213 -11.37 -13.46 18.46
N ALA A 214 -11.07 -12.29 17.92
CA ALA A 214 -9.76 -11.63 18.11
C ALA A 214 -9.60 -11.34 19.60
N ARG A 215 -8.43 -11.69 20.15
CA ARG A 215 -8.03 -11.38 21.54
C ARG A 215 -6.59 -10.85 21.53
N LEU A 216 -6.16 -10.20 22.59
CA LEU A 216 -4.74 -9.75 22.68
C LEU A 216 -3.82 -10.97 22.61
N LEU A 217 -2.74 -10.88 21.83
CA LEU A 217 -1.70 -11.92 21.73
C LEU A 217 -0.95 -11.95 23.06
N ASN A 218 -0.88 -13.13 23.70
CA ASN A 218 -0.44 -13.33 25.10
C ASN A 218 1.06 -13.60 25.14
#